data_7ULL
#
_entry.id   7ULL
#
_cell.length_a   63.921
_cell.length_b   89.461
_cell.length_c   98.850
_cell.angle_alpha   90.000
_cell.angle_beta   90.000
_cell.angle_gamma   90.000
#
_symmetry.space_group_name_H-M   'P 21 21 2'
#
loop_
_entity.id
_entity.type
_entity.pdbx_description
1 polymer Endoplasmin
2 non-polymer N,N-dimethyl-7H-purin-6-amine
3 non-polymer 'TETRAETHYLENE GLYCOL'
4 non-polymer 'DIMETHYL SULFOXIDE'
5 non-polymer GLYCEROL
6 water water
#
_entity_poly.entity_id   1
_entity_poly.type   'polypeptide(L)'
_entity_poly.pdbx_seq_one_letter_code
;GSHLREKSEKFAFQAEVNRMMKLIINSLYKNKEIFLRELISNASDALDKIRLISLTDENALSGNEELTVKIKCDKEKNLL
HVTDTGVGMTREELVKNLGTIAKSGTSEFLNKMTEAQEDGQSTSELIGQFGVGFYSAFLVADKVIVTSKHNNDTQHIWES
DSNEFSVIADPRGNTLGRGTTITLVLKEEASDYLELDTIKNLVKKYSQFINFPIYVWSSKTETVEEPMEEEEAAKEEKEE
SDDEAAVEEEEEEKKPKTKKVEKTVWDWELMN
;
_entity_poly.pdbx_strand_id   A,B
#
# COMPACT_ATOMS: atom_id res chain seq x y z
N GLU A 9 -14.34 -14.17 2.16
CA GLU A 9 -14.91 -12.90 1.69
C GLU A 9 -13.86 -11.82 1.51
N LYS A 10 -12.73 -11.95 2.22
CA LYS A 10 -11.68 -10.95 2.21
C LYS A 10 -10.52 -11.39 1.32
N PHE A 11 -10.04 -10.47 0.48
CA PHE A 11 -8.94 -10.73 -0.42
C PHE A 11 -7.90 -9.64 -0.27
N ALA A 12 -6.68 -9.96 -0.72
CA ALA A 12 -5.61 -8.99 -0.86
C ALA A 12 -5.43 -8.65 -2.33
N PHE A 13 -5.08 -7.39 -2.58
CA PHE A 13 -4.80 -6.98 -3.95
C PHE A 13 -3.59 -7.74 -4.49
N GLN A 14 -3.62 -8.02 -5.79
CA GLN A 14 -2.44 -8.57 -6.44
C GLN A 14 -1.31 -7.53 -6.37
N ALA A 15 -0.09 -8.02 -6.18
CA ALA A 15 1.05 -7.12 -5.99
C ALA A 15 1.14 -6.08 -7.11
N GLU A 16 0.97 -6.50 -8.35
CA GLU A 16 1.02 -5.57 -9.47
C GLU A 16 -0.06 -4.49 -9.35
N VAL A 17 -1.24 -4.86 -8.85
CA VAL A 17 -2.29 -3.87 -8.64
C VAL A 17 -1.91 -2.90 -7.51
N ASN A 18 -1.18 -3.39 -6.50
CA ASN A 18 -0.69 -2.49 -5.46
C ASN A 18 0.24 -1.43 -6.04
N ARG A 19 1.13 -1.83 -6.95
CA ARG A 19 2.03 -0.87 -7.59
C ARG A 19 1.26 0.10 -8.50
N MET A 20 0.36 -0.44 -9.33
CA MET A 20 -0.42 0.39 -10.23
C MET A 20 -1.19 1.47 -9.46
N MET A 21 -1.73 1.11 -8.29
CA MET A 21 -2.46 2.09 -7.49
C MET A 21 -1.57 3.25 -7.08
N LYS A 22 -0.35 2.96 -6.64
CA LYS A 22 0.57 4.01 -6.20
C LYS A 22 1.02 4.88 -7.37
N LEU A 23 1.22 4.27 -8.55
CA LEU A 23 1.64 5.05 -9.71
C LEU A 23 0.53 5.99 -10.16
N ILE A 24 -0.72 5.54 -10.11
CA ILE A 24 -1.84 6.38 -10.52
C ILE A 24 -2.03 7.52 -9.53
N ILE A 25 -1.80 7.27 -8.24
CA ILE A 25 -1.99 8.30 -7.23
C ILE A 25 -0.90 9.36 -7.36
N ASN A 26 0.35 8.92 -7.48
CA ASN A 26 1.45 9.86 -7.62
C ASN A 26 1.37 10.67 -8.89
N SER A 27 0.81 10.09 -9.97
CA SER A 27 0.70 10.84 -11.22
C SER A 27 -0.38 11.90 -11.13
N LEU A 28 -1.53 11.56 -10.56
CA LEU A 28 -2.66 12.48 -10.45
C LEU A 28 -2.73 13.12 -9.08
N TYR A 29 -1.60 13.19 -8.36
CA TYR A 29 -1.61 13.77 -7.02
C TYR A 29 -1.91 15.27 -7.05
N LYS A 30 -1.50 15.97 -8.10
CA LYS A 30 -1.69 17.41 -8.18
C LYS A 30 -2.97 17.82 -8.89
N ASN A 31 -3.70 16.86 -9.49
CA ASN A 31 -4.94 17.13 -10.20
C ASN A 31 -5.96 16.05 -9.78
N LYS A 32 -6.36 16.10 -8.51
CA LYS A 32 -7.19 15.02 -7.96
C LYS A 32 -8.55 14.95 -8.64
N GLU A 33 -9.04 16.07 -9.19
CA GLU A 33 -10.36 16.08 -9.82
C GLU A 33 -10.46 15.09 -10.98
N ILE A 34 -9.33 14.61 -11.51
CA ILE A 34 -9.35 13.68 -12.63
C ILE A 34 -10.07 12.38 -12.28
N PHE A 35 -10.20 12.08 -10.99
CA PHE A 35 -10.88 10.85 -10.59
C PHE A 35 -12.30 10.81 -11.14
N LEU A 36 -13.00 11.95 -11.12
CA LEU A 36 -14.36 12.00 -11.63
C LEU A 36 -14.40 11.81 -13.14
N ARG A 37 -13.37 12.28 -13.85
CA ARG A 37 -13.31 12.04 -15.30
C ARG A 37 -13.23 10.56 -15.60
N GLU A 38 -12.42 9.82 -14.83
CA GLU A 38 -12.25 8.39 -15.09
C GLU A 38 -13.51 7.60 -14.72
N LEU A 39 -14.13 7.93 -13.59
CA LEU A 39 -15.38 7.28 -13.22
C LEU A 39 -16.43 7.47 -14.30
N ILE A 40 -16.53 8.67 -14.86
CA ILE A 40 -17.43 8.90 -16.00
C ILE A 40 -16.97 8.09 -17.20
N SER A 41 -15.67 8.12 -17.48
CA SER A 41 -15.10 7.35 -18.58
C SER A 41 -15.41 5.86 -18.43
N ASN A 42 -15.25 5.34 -17.21
CA ASN A 42 -15.56 3.94 -16.94
C ASN A 42 -17.05 3.66 -17.09
N ALA A 43 -17.90 4.57 -16.59
CA ALA A 43 -19.34 4.39 -16.72
C ALA A 43 -19.76 4.34 -18.18
N SER A 44 -19.12 5.14 -19.03
CA SER A 44 -19.42 5.12 -20.46
C SER A 44 -19.00 3.80 -21.09
N ASP A 45 -17.79 3.32 -20.77
CA ASP A 45 -17.32 2.05 -21.32
C ASP A 45 -18.25 0.91 -20.95
N ALA A 46 -18.80 0.93 -19.73
CA ALA A 46 -19.75 -0.11 -19.34
C ALA A 46 -21.04 0.00 -20.15
N LEU A 47 -21.54 1.22 -20.34
CA LEU A 47 -22.71 1.42 -21.18
C LEU A 47 -22.40 1.07 -22.63
N ASP A 48 -21.25 1.51 -23.14
CA ASP A 48 -20.83 1.13 -24.48
C ASP A 48 -20.73 -0.38 -24.62
N LYS A 49 -20.42 -1.08 -23.52
CA LYS A 49 -20.27 -2.52 -23.56
C LYS A 49 -21.63 -3.21 -23.67
N ILE A 50 -22.60 -2.81 -22.85
CA ILE A 50 -23.92 -3.43 -22.88
C ILE A 50 -24.65 -3.11 -24.18
N ARG A 51 -24.40 -1.93 -24.77
CA ARG A 51 -25.06 -1.58 -26.02
C ARG A 51 -24.62 -2.52 -27.15
N LEU A 52 -23.32 -2.84 -27.20
CA LEU A 52 -22.84 -3.81 -28.18
C LEU A 52 -23.44 -5.18 -27.93
N ILE A 53 -23.57 -5.57 -26.66
CA ILE A 53 -24.17 -6.86 -26.32
C ILE A 53 -25.64 -6.88 -26.71
N SER A 54 -26.32 -5.75 -26.59
CA SER A 54 -27.73 -5.68 -26.97
C SER A 54 -27.94 -5.96 -28.47
N LEU A 55 -26.91 -5.74 -29.28
CA LEU A 55 -27.01 -6.08 -30.70
C LEU A 55 -27.13 -7.57 -30.93
N THR A 56 -26.70 -8.39 -29.97
CA THR A 56 -26.76 -9.84 -30.09
C THR A 56 -27.74 -10.50 -29.13
N ASP A 57 -28.20 -9.79 -28.09
CA ASP A 57 -29.12 -10.34 -27.11
C ASP A 57 -30.33 -9.41 -27.02
N GLU A 58 -31.50 -9.91 -27.41
CA GLU A 58 -32.71 -9.10 -27.40
C GLU A 58 -33.20 -8.82 -25.99
N ASN A 59 -32.71 -9.56 -24.98
CA ASN A 59 -33.15 -9.39 -23.61
C ASN A 59 -32.03 -8.88 -22.70
N ALA A 60 -30.96 -8.33 -23.28
CA ALA A 60 -29.85 -7.84 -22.48
C ALA A 60 -30.23 -6.62 -21.64
N LEU A 61 -31.30 -5.92 -21.99
CA LEU A 61 -31.74 -4.74 -21.25
C LEU A 61 -33.00 -4.97 -20.44
N SER A 62 -33.42 -6.23 -20.34
CA SER A 62 -34.67 -6.61 -19.61
C SER A 62 -34.60 -6.17 -18.14
N GLY A 63 -33.42 -6.24 -17.53
CA GLY A 63 -33.26 -5.88 -16.13
C GLY A 63 -33.39 -4.39 -15.87
N ASN A 64 -33.10 -3.57 -16.88
CA ASN A 64 -33.20 -2.12 -16.73
C ASN A 64 -33.23 -1.50 -18.12
N GLU A 65 -34.29 -0.75 -18.42
CA GLU A 65 -34.47 -0.21 -19.76
C GLU A 65 -33.57 0.99 -20.05
N GLU A 66 -33.27 1.80 -19.04
CA GLU A 66 -32.52 3.03 -19.26
C GLU A 66 -31.03 2.75 -19.39
N LEU A 67 -30.35 3.60 -20.13
CA LEU A 67 -28.89 3.61 -20.26
C LEU A 67 -28.42 4.99 -19.81
N THR A 68 -28.19 5.15 -18.52
CA THR A 68 -27.90 6.44 -17.92
C THR A 68 -26.70 6.31 -16.99
N VAL A 69 -26.14 7.47 -16.63
CA VAL A 69 -25.17 7.58 -15.54
C VAL A 69 -25.66 8.69 -14.62
N LYS A 70 -25.92 8.34 -13.36
CA LYS A 70 -26.52 9.26 -12.40
C LYS A 70 -25.58 9.46 -11.22
N ILE A 71 -25.49 10.70 -10.76
CA ILE A 71 -24.57 11.09 -9.70
C ILE A 71 -25.38 11.73 -8.57
N LYS A 72 -25.08 11.33 -7.33
CA LYS A 72 -25.76 11.85 -6.15
C LYS A 72 -24.73 12.27 -5.12
N CYS A 73 -24.99 13.40 -4.47
CA CYS A 73 -24.18 13.87 -3.36
C CYS A 73 -24.97 13.72 -2.07
N ASP A 74 -24.26 13.34 -1.00
CA ASP A 74 -24.86 13.17 0.34
C ASP A 74 -23.93 13.86 1.34
N LYS A 75 -24.09 15.17 1.48
CA LYS A 75 -23.28 15.93 2.42
C LYS A 75 -23.50 15.46 3.85
N GLU A 76 -24.74 15.09 4.19
CA GLU A 76 -25.04 14.64 5.55
C GLU A 76 -24.30 13.35 5.88
N LYS A 77 -24.16 12.45 4.90
CA LYS A 77 -23.52 11.16 5.11
C LYS A 77 -22.10 11.10 4.55
N ASN A 78 -21.66 12.15 3.84
CA ASN A 78 -20.31 12.23 3.28
C ASN A 78 -20.08 11.15 2.24
N LEU A 79 -20.99 11.06 1.27
CA LEU A 79 -20.90 10.07 0.21
C LEU A 79 -21.06 10.72 -1.15
N LEU A 80 -20.41 10.13 -2.14
CA LEU A 80 -20.56 10.50 -3.54
C LEU A 80 -20.87 9.24 -4.33
N HIS A 81 -21.93 9.28 -5.12
CA HIS A 81 -22.41 8.10 -5.85
C HIS A 81 -22.28 8.35 -7.34
N VAL A 82 -21.72 7.37 -8.05
CA VAL A 82 -21.64 7.39 -9.50
C VAL A 82 -22.21 6.06 -9.99
N THR A 83 -23.43 6.10 -10.52
CA THR A 83 -24.15 4.91 -10.95
C THR A 83 -24.28 4.91 -12.47
N ASP A 84 -24.06 3.74 -13.07
CA ASP A 84 -24.25 3.53 -14.50
C ASP A 84 -25.11 2.29 -14.69
N THR A 85 -25.94 2.30 -15.72
CA THR A 85 -26.74 1.15 -16.09
C THR A 85 -26.07 0.31 -17.17
N GLY A 86 -24.76 0.10 -17.05
CA GLY A 86 -24.00 -0.60 -18.06
C GLY A 86 -24.07 -2.11 -17.92
N VAL A 87 -23.02 -2.78 -18.40
CA VAL A 87 -23.02 -4.25 -18.42
C VAL A 87 -23.00 -4.81 -17.00
N GLY A 88 -22.40 -4.10 -16.05
CA GLY A 88 -22.29 -4.59 -14.70
C GLY A 88 -21.19 -5.62 -14.53
N MET A 89 -21.04 -6.08 -13.30
CA MET A 89 -19.99 -7.04 -12.93
C MET A 89 -20.59 -8.17 -12.11
N THR A 90 -20.19 -9.40 -12.42
CA THR A 90 -20.52 -10.54 -11.60
C THR A 90 -19.63 -10.55 -10.35
N ARG A 91 -19.92 -11.48 -9.43
CA ARG A 91 -19.08 -11.63 -8.25
C ARG A 91 -17.64 -11.91 -8.66
N GLU A 92 -17.45 -12.83 -9.59
CA GLU A 92 -16.11 -13.16 -10.06
C GLU A 92 -15.44 -11.97 -10.73
N GLU A 93 -16.21 -11.16 -11.46
CA GLU A 93 -15.64 -10.00 -12.12
C GLU A 93 -15.27 -8.91 -11.12
N LEU A 94 -16.01 -8.81 -10.01
CA LEU A 94 -15.64 -7.84 -8.97
C LEU A 94 -14.27 -8.15 -8.39
N VAL A 95 -13.97 -9.43 -8.19
CA VAL A 95 -12.71 -9.82 -7.58
C VAL A 95 -11.57 -9.72 -8.58
N LYS A 96 -11.79 -10.20 -9.81
CA LYS A 96 -10.69 -10.28 -10.78
C LYS A 96 -10.44 -8.94 -11.46
N ASN A 97 -11.49 -8.29 -11.94
CA ASN A 97 -11.31 -7.04 -12.68
C ASN A 97 -10.80 -5.92 -11.79
N LEU A 98 -11.06 -5.97 -10.49
CA LEU A 98 -10.61 -4.94 -9.57
C LEU A 98 -9.42 -5.36 -8.71
N GLY A 99 -9.22 -6.66 -8.49
CA GLY A 99 -8.14 -7.11 -7.62
C GLY A 99 -6.88 -7.56 -8.35
N THR A 100 -7.01 -7.86 -9.64
CA THR A 100 -5.86 -8.34 -10.40
C THR A 100 -5.68 -7.56 -11.70
N ILE A 101 -4.82 -8.07 -12.58
CA ILE A 101 -4.63 -7.52 -13.91
C ILE A 101 -4.95 -8.62 -14.92
N ALA A 102 -5.77 -8.29 -15.90
CA ALA A 102 -6.22 -9.32 -16.84
C ALA A 102 -6.54 -8.75 -18.21
N LYS A 103 -6.20 -7.49 -18.49
CA LYS A 103 -6.47 -6.86 -19.77
C LYS A 103 -5.17 -6.25 -20.29
N SER A 104 -4.72 -6.72 -21.45
CA SER A 104 -3.52 -6.21 -22.11
C SER A 104 -2.28 -6.29 -21.22
N PHE A 109 3.22 -2.34 -19.85
CA PHE A 109 2.47 -1.18 -19.37
C PHE A 109 3.12 -0.58 -18.13
N LEU A 110 3.47 -1.43 -17.17
CA LEU A 110 4.10 -0.95 -15.95
C LEU A 110 5.44 -0.29 -16.26
N ASN A 111 6.19 -0.85 -17.21
CA ASN A 111 7.44 -0.24 -17.62
CA ASN A 111 7.48 -0.24 -17.71
C ASN A 111 7.19 1.11 -18.29
N LYS A 112 6.10 1.21 -19.06
CA LYS A 112 5.77 2.47 -19.73
C LYS A 112 5.39 3.54 -18.72
N MET A 113 4.64 3.18 -17.69
CA MET A 113 4.32 4.16 -16.64
C MET A 113 5.57 4.58 -15.92
N THR A 114 6.44 3.61 -15.61
CA THR A 114 7.71 3.91 -14.96
C THR A 114 8.60 4.75 -15.86
N GLU A 115 8.65 4.42 -17.16
CA GLU A 115 9.49 5.16 -18.08
C GLU A 115 9.00 6.60 -18.24
N ALA A 116 7.70 6.78 -18.37
CA ALA A 116 7.16 8.14 -18.44
C ALA A 116 7.35 8.87 -17.11
N GLN A 117 7.18 8.16 -15.99
CA GLN A 117 7.38 8.79 -14.69
C GLN A 117 8.86 9.03 -14.42
N GLU A 118 9.72 8.06 -14.71
CA GLU A 118 11.15 8.24 -14.48
C GLU A 118 11.71 9.32 -15.40
N ASP A 119 11.37 9.26 -16.69
CA ASP A 119 11.80 10.29 -17.63
C ASP A 119 10.97 11.57 -17.52
N GLY A 120 10.06 11.64 -16.55
CA GLY A 120 9.32 12.83 -16.14
C GLY A 120 8.17 13.23 -17.06
N GLN A 121 7.71 12.34 -17.93
CA GLN A 121 6.62 12.71 -18.83
C GLN A 121 5.27 12.61 -18.13
N SER A 122 4.27 13.28 -18.71
CA SER A 122 2.92 13.27 -18.17
C SER A 122 2.25 11.94 -18.48
N THR A 123 1.35 11.51 -17.56
CA THR A 123 0.67 10.23 -17.72
C THR A 123 -0.84 10.31 -17.45
N SER A 124 -1.42 11.51 -17.35
CA SER A 124 -2.85 11.61 -17.12
C SER A 124 -3.65 10.96 -18.25
N GLU A 125 -3.28 11.28 -19.49
CA GLU A 125 -3.95 10.65 -20.64
C GLU A 125 -3.54 9.20 -20.80
N LEU A 126 -2.45 8.77 -20.13
CA LEU A 126 -2.01 7.39 -20.22
C LEU A 126 -2.91 6.48 -19.37
N ILE A 127 -3.36 6.96 -18.21
CA ILE A 127 -4.22 6.15 -17.37
C ILE A 127 -5.61 6.04 -17.98
N GLY A 128 -6.18 7.16 -18.41
CA GLY A 128 -7.47 7.16 -19.08
C GLY A 128 -7.48 6.39 -20.38
N GLN A 129 -6.29 6.19 -20.98
CA GLN A 129 -6.19 5.46 -22.24
C GLN A 129 -6.31 3.95 -22.02
N PHE A 130 -5.67 3.44 -20.97
CA PHE A 130 -5.75 2.02 -20.64
C PHE A 130 -6.95 1.66 -19.79
N GLY A 131 -7.69 2.65 -19.29
CA GLY A 131 -8.87 2.39 -18.50
C GLY A 131 -8.59 1.80 -17.14
N VAL A 132 -7.54 2.25 -16.47
CA VAL A 132 -7.22 1.82 -15.11
C VAL A 132 -7.48 2.94 -14.11
N GLY A 133 -8.24 3.97 -14.52
CA GLY A 133 -8.50 5.14 -13.71
C GLY A 133 -9.44 4.90 -12.54
N PHE A 134 -9.99 3.69 -12.39
CA PHE A 134 -10.86 3.40 -11.26
C PHE A 134 -10.16 3.66 -9.93
N TYR A 135 -8.87 3.35 -9.86
CA TYR A 135 -8.13 3.46 -8.60
C TYR A 135 -7.80 4.90 -8.23
N SER A 136 -7.97 5.86 -9.14
CA SER A 136 -7.76 7.25 -8.80
C SER A 136 -8.78 7.76 -7.79
N ALA A 137 -9.84 6.99 -7.54
CA ALA A 137 -10.82 7.37 -6.53
C ALA A 137 -10.21 7.45 -5.14
N PHE A 138 -9.18 6.65 -4.87
CA PHE A 138 -8.50 6.71 -3.58
C PHE A 138 -7.74 8.01 -3.36
N LEU A 139 -7.69 8.90 -4.35
CA LEU A 139 -7.15 10.23 -4.11
C LEU A 139 -8.06 11.08 -3.23
N VAL A 140 -9.35 10.78 -3.19
CA VAL A 140 -10.31 11.63 -2.49
C VAL A 140 -11.20 10.81 -1.57
N ALA A 141 -11.07 9.48 -1.63
CA ALA A 141 -11.96 8.58 -0.90
C ALA A 141 -11.15 7.71 0.07
N ASP A 142 -11.59 7.64 1.32
CA ASP A 142 -11.01 6.72 2.28
C ASP A 142 -11.46 5.28 2.03
N LYS A 143 -12.64 5.11 1.42
CA LYS A 143 -13.16 3.78 1.13
C LYS A 143 -13.96 3.84 -0.17
N VAL A 144 -13.82 2.81 -0.99
CA VAL A 144 -14.51 2.71 -2.27
C VAL A 144 -15.45 1.51 -2.21
N ILE A 145 -16.73 1.76 -2.46
CA ILE A 145 -17.76 0.73 -2.41
C ILE A 145 -18.35 0.59 -3.81
N VAL A 146 -18.38 -0.65 -4.28
CA VAL A 146 -18.92 -0.92 -5.56
C VAL A 146 -20.08 -1.89 -5.49
N THR A 147 -21.23 -1.41 -5.88
CA THR A 147 -22.43 -2.22 -5.99
C THR A 147 -22.69 -2.47 -7.47
N SER A 148 -22.84 -3.74 -7.85
CA SER A 148 -22.95 -4.09 -9.26
C SER A 148 -23.81 -5.33 -9.43
N LYS A 149 -24.62 -5.33 -10.49
CA LYS A 149 -25.41 -6.49 -10.89
C LYS A 149 -25.21 -6.77 -12.37
N HIS A 150 -24.78 -7.98 -12.68
CA HIS A 150 -24.62 -8.45 -14.04
C HIS A 150 -25.79 -9.35 -14.41
N ASN A 151 -26.16 -9.34 -15.70
CA ASN A 151 -27.31 -10.14 -16.15
C ASN A 151 -27.09 -11.63 -15.92
N ASN A 152 -25.86 -12.07 -15.70
CA ASN A 152 -25.53 -13.49 -15.52
C ASN A 152 -25.19 -13.83 -14.09
N ASP A 153 -25.51 -12.95 -13.13
CA ASP A 153 -25.19 -13.19 -11.73
C ASP A 153 -26.13 -12.37 -10.87
N THR A 154 -25.98 -12.51 -9.55
CA THR A 154 -26.74 -11.75 -8.59
C THR A 154 -25.96 -10.53 -8.12
N GLN A 155 -26.70 -9.53 -7.62
CA GLN A 155 -26.10 -8.28 -7.20
C GLN A 155 -25.20 -8.50 -5.98
N HIS A 156 -23.97 -8.02 -6.07
CA HIS A 156 -22.97 -8.14 -5.01
C HIS A 156 -22.46 -6.77 -4.62
N ILE A 157 -21.70 -6.73 -3.51
CA ILE A 157 -21.09 -5.51 -3.01
C ILE A 157 -19.59 -5.73 -2.87
N TRP A 158 -18.82 -4.74 -3.29
CA TRP A 158 -17.35 -4.78 -3.26
C TRP A 158 -16.86 -3.59 -2.44
N GLU A 159 -16.03 -3.86 -1.43
CA GLU A 159 -15.53 -2.83 -0.53
C GLU A 159 -14.02 -2.92 -0.40
N SER A 160 -13.37 -1.77 -0.24
CA SER A 160 -11.93 -1.71 -0.11
C SER A 160 -11.51 -0.35 0.43
N ASP A 161 -10.40 -0.34 1.17
CA ASP A 161 -9.79 0.90 1.65
C ASP A 161 -8.37 1.06 1.12
N SER A 162 -8.03 0.37 0.03
CA SER A 162 -6.75 0.29 -0.65
C SER A 162 -5.79 -0.67 0.05
N ASN A 163 -6.14 -1.20 1.21
CA ASN A 163 -5.31 -2.14 1.94
C ASN A 163 -5.76 -3.59 1.77
N GLU A 164 -7.01 -3.80 1.40
CA GLU A 164 -7.58 -5.12 1.12
C GLU A 164 -8.90 -4.86 0.40
N PHE A 165 -9.61 -5.93 0.05
CA PHE A 165 -10.95 -5.76 -0.47
C PHE A 165 -11.78 -7.00 -0.16
N SER A 166 -13.09 -6.80 -0.05
CA SER A 166 -14.02 -7.87 0.25
C SER A 166 -15.21 -7.81 -0.69
N VAL A 167 -15.85 -8.97 -0.88
CA VAL A 167 -17.02 -9.09 -1.73
C VAL A 167 -18.08 -9.89 -0.97
N ILE A 168 -19.28 -9.34 -0.90
CA ILE A 168 -20.42 -10.00 -0.25
C ILE A 168 -21.63 -9.89 -1.18
N ALA A 169 -22.53 -10.86 -1.06
CA ALA A 169 -23.79 -10.76 -1.77
C ALA A 169 -24.63 -9.65 -1.15
N ASP A 170 -25.17 -8.78 -1.98
CA ASP A 170 -25.98 -7.65 -1.52
C ASP A 170 -27.24 -8.17 -0.84
N PRO A 171 -27.37 -7.98 0.48
CA PRO A 171 -28.58 -8.46 1.18
C PRO A 171 -29.84 -7.72 0.79
N ARG A 172 -29.73 -6.57 0.12
CA ARG A 172 -30.89 -5.83 -0.35
C ARG A 172 -31.52 -6.41 -1.61
N GLY A 173 -30.96 -7.49 -2.14
CA GLY A 173 -31.50 -8.09 -3.35
C GLY A 173 -31.13 -7.30 -4.59
N ASN A 174 -31.89 -7.55 -5.65
CA ASN A 174 -31.69 -6.88 -6.94
C ASN A 174 -32.27 -5.47 -6.84
N THR A 175 -31.40 -4.50 -6.58
CA THR A 175 -31.80 -3.10 -6.50
C THR A 175 -31.49 -2.32 -7.77
N LEU A 176 -30.34 -2.57 -8.40
CA LEU A 176 -29.94 -1.81 -9.57
C LEU A 176 -30.63 -2.28 -10.86
N GLY A 177 -31.10 -3.52 -10.90
CA GLY A 177 -31.60 -4.09 -12.15
C GLY A 177 -30.49 -4.49 -13.10
N ARG A 178 -29.60 -3.56 -13.42
CA ARG A 178 -28.38 -3.84 -14.18
C ARG A 178 -27.48 -2.61 -14.15
N GLY A 179 -26.19 -2.81 -13.88
CA GLY A 179 -25.26 -1.72 -13.85
C GLY A 179 -24.41 -1.74 -12.61
N THR A 180 -23.74 -0.62 -12.34
CA THR A 180 -22.80 -0.52 -11.25
C THR A 180 -22.96 0.83 -10.56
N THR A 181 -22.71 0.85 -9.25
CA THR A 181 -22.68 2.08 -8.47
C THR A 181 -21.32 2.16 -7.77
N ILE A 182 -20.58 3.24 -8.03
CA ILE A 182 -19.32 3.51 -7.37
C ILE A 182 -19.61 4.49 -6.24
N THR A 183 -19.45 4.03 -5.00
CA THR A 183 -19.68 4.85 -3.82
C THR A 183 -18.34 5.20 -3.17
N LEU A 184 -18.11 6.48 -2.97
CA LEU A 184 -16.86 6.99 -2.42
C LEU A 184 -17.13 7.65 -1.08
N VAL A 185 -16.49 7.16 -0.02
CA VAL A 185 -16.53 7.79 1.29
C VAL A 185 -15.40 8.83 1.29
N LEU A 186 -15.75 10.06 0.94
CA LEU A 186 -14.74 11.09 0.75
C LEU A 186 -14.01 11.41 2.05
N LYS A 187 -12.73 11.74 1.93
CA LYS A 187 -11.90 12.10 3.07
C LYS A 187 -12.41 13.40 3.71
N GLU A 188 -11.87 13.69 4.89
CA GLU A 188 -12.20 14.94 5.58
C GLU A 188 -11.80 16.15 4.75
N GLU A 189 -10.66 16.07 4.07
CA GLU A 189 -10.14 17.15 3.24
C GLU A 189 -10.67 17.11 1.81
N ALA A 190 -11.70 16.31 1.55
CA ALA A 190 -12.32 16.25 0.23
C ALA A 190 -13.79 16.65 0.26
N SER A 191 -14.26 17.23 1.36
CA SER A 191 -15.65 17.67 1.47
C SER A 191 -15.99 18.76 0.46
N ASP A 192 -14.99 19.32 -0.23
CA ASP A 192 -15.26 20.31 -1.27
C ASP A 192 -16.12 19.71 -2.38
N TYR A 193 -15.94 18.42 -2.66
CA TYR A 193 -16.72 17.72 -3.67
C TYR A 193 -18.11 17.34 -3.18
N LEU A 194 -18.48 17.69 -1.95
CA LEU A 194 -19.84 17.47 -1.49
C LEU A 194 -20.79 18.61 -1.88
N GLU A 195 -20.25 19.78 -2.22
CA GLU A 195 -21.08 20.88 -2.67
C GLU A 195 -21.56 20.63 -4.10
N LEU A 196 -22.73 21.17 -4.41
CA LEU A 196 -23.36 20.89 -5.71
C LEU A 196 -22.67 21.64 -6.84
N ASP A 197 -22.45 22.94 -6.66
CA ASP A 197 -21.90 23.77 -7.73
C ASP A 197 -20.55 23.25 -8.22
N THR A 198 -19.77 22.64 -7.34
CA THR A 198 -18.47 22.09 -7.75
C THR A 198 -18.63 20.79 -8.52
N ILE A 199 -19.57 19.92 -8.11
CA ILE A 199 -19.77 18.65 -8.80
C ILE A 199 -20.36 18.89 -10.19
N LYS A 200 -21.41 19.69 -10.27
CA LYS A 200 -22.05 19.97 -11.56
C LYS A 200 -21.04 20.53 -12.56
N ASN A 201 -20.16 21.41 -12.10
CA ASN A 201 -19.12 21.95 -12.98
C ASN A 201 -18.14 20.87 -13.41
N LEU A 202 -17.67 20.06 -12.47
CA LEU A 202 -16.74 18.98 -12.81
C LEU A 202 -17.38 17.97 -13.75
N VAL A 203 -18.65 17.60 -13.49
CA VAL A 203 -19.33 16.64 -14.35
C VAL A 203 -19.45 17.17 -15.77
N LYS A 204 -19.82 18.44 -15.93
CA LYS A 204 -19.97 19.02 -17.26
C LYS A 204 -18.64 19.07 -18.01
N LYS A 205 -17.53 19.24 -17.30
CA LYS A 205 -16.24 19.33 -17.99
C LYS A 205 -15.86 18.00 -18.65
N TYR A 206 -16.31 16.88 -18.09
CA TYR A 206 -15.85 15.58 -18.55
C TYR A 206 -16.94 14.70 -19.18
N SER A 207 -18.19 15.16 -19.23
CA SER A 207 -19.28 14.33 -19.70
C SER A 207 -19.83 14.76 -21.05
N GLN A 208 -19.25 15.77 -21.70
CA GLN A 208 -19.80 16.27 -22.96
C GLN A 208 -19.69 15.23 -24.06
N PHE A 209 -18.59 14.49 -24.11
CA PHE A 209 -18.32 13.56 -25.20
C PHE A 209 -18.80 12.14 -24.90
N ILE A 210 -19.57 11.96 -23.83
CA ILE A 210 -20.13 10.67 -23.50
C ILE A 210 -21.44 10.51 -24.25
N ASN A 211 -21.55 9.42 -25.01
CA ASN A 211 -22.71 9.18 -25.87
C ASN A 211 -23.96 8.80 -25.08
N PHE A 212 -23.97 9.01 -23.78
CA PHE A 212 -25.10 8.65 -22.92
C PHE A 212 -25.45 9.82 -22.02
N PRO A 213 -26.70 9.91 -21.55
CA PRO A 213 -27.09 11.02 -20.70
C PRO A 213 -26.51 10.91 -19.29
N ILE A 214 -26.15 12.05 -18.73
CA ILE A 214 -25.56 12.15 -17.40
C ILE A 214 -26.47 13.02 -16.55
N TYR A 215 -27.00 12.46 -15.46
CA TYR A 215 -27.85 13.20 -14.55
C TYR A 215 -27.13 13.42 -13.22
N VAL A 216 -27.50 14.49 -12.54
CA VAL A 216 -26.98 14.82 -11.21
C VAL A 216 -28.14 15.20 -10.32
N TRP A 217 -28.25 14.53 -9.17
CA TRP A 217 -29.33 14.80 -8.23
C TRP A 217 -29.05 16.12 -7.52
N SER A 218 -29.70 17.19 -7.99
CA SER A 218 -29.48 18.53 -7.47
C SER A 218 -30.75 19.03 -6.77
N SER A 219 -30.62 20.19 -6.13
CA SER A 219 -31.70 20.82 -5.40
C SER A 219 -31.91 22.24 -5.91
N LYS A 220 -32.99 22.85 -5.45
CA LYS A 220 -33.32 24.22 -5.85
C LYS A 220 -34.03 24.95 -4.72
N THR A 264 -38.05 24.27 -1.40
CA THR A 264 -36.93 23.65 -2.07
C THR A 264 -37.24 22.18 -2.39
N VAL A 265 -37.06 21.81 -3.66
CA VAL A 265 -37.33 20.46 -4.12
C VAL A 265 -36.07 19.93 -4.79
N TRP A 266 -36.02 18.61 -4.94
CA TRP A 266 -34.88 17.91 -5.51
C TRP A 266 -35.30 17.17 -6.76
N ASP A 267 -34.36 16.99 -7.69
CA ASP A 267 -34.61 16.24 -8.92
C ASP A 267 -33.29 16.16 -9.70
N TRP A 268 -33.32 15.40 -10.79
CA TRP A 268 -32.15 15.23 -11.63
C TRP A 268 -31.94 16.45 -12.51
N GLU A 269 -30.69 16.65 -12.92
CA GLU A 269 -30.33 17.77 -13.80
C GLU A 269 -29.37 17.24 -14.86
N LEU A 270 -29.76 17.40 -16.13
CA LEU A 270 -28.93 16.92 -17.22
C LEU A 270 -27.72 17.83 -17.39
N MET A 271 -26.56 17.23 -17.64
CA MET A 271 -25.31 17.98 -17.73
C MET A 271 -24.63 17.94 -19.08
N ASN A 272 -24.95 16.98 -19.94
CA ASN A 272 -24.29 16.87 -21.25
C ASN A 272 -25.27 17.13 -22.40
N GLU B 9 6.05 -19.37 -2.08
CA GLU B 9 7.14 -18.55 -1.55
C GLU B 9 6.73 -17.09 -1.43
N LYS B 10 5.73 -16.69 -2.21
CA LYS B 10 5.27 -15.31 -2.26
C LYS B 10 3.99 -15.14 -1.46
N PHE B 11 3.95 -14.10 -0.63
CA PHE B 11 2.82 -13.81 0.24
C PHE B 11 2.39 -12.36 0.06
N ALA B 12 1.17 -12.09 0.48
CA ALA B 12 0.66 -10.73 0.59
C ALA B 12 0.65 -10.29 2.04
N PHE B 13 0.94 -9.00 2.25
CA PHE B 13 0.89 -8.46 3.60
C PHE B 13 -0.54 -8.51 4.15
N GLN B 14 -0.64 -8.69 5.46
CA GLN B 14 -1.94 -8.54 6.12
C GLN B 14 -2.40 -7.10 5.99
N ALA B 15 -3.72 -6.94 5.83
CA ALA B 15 -4.28 -5.61 5.62
C ALA B 15 -3.85 -4.63 6.71
N GLU B 16 -3.89 -5.07 7.98
CA GLU B 16 -3.48 -4.20 9.07
C GLU B 16 -2.02 -3.78 8.92
N VAL B 17 -1.16 -4.69 8.46
CA VAL B 17 0.23 -4.34 8.23
C VAL B 17 0.35 -3.37 7.05
N ASN B 18 -0.52 -3.50 6.05
CA ASN B 18 -0.57 -2.51 4.98
C ASN B 18 -0.92 -1.14 5.54
N ARG B 19 -1.88 -1.08 6.46
CA ARG B 19 -2.27 0.18 7.08
C ARG B 19 -1.14 0.75 7.92
N MET B 20 -0.53 -0.09 8.76
CA MET B 20 0.59 0.37 9.60
C MET B 20 1.71 0.96 8.75
N MET B 21 2.00 0.33 7.62
CA MET B 21 3.05 0.85 6.73
C MET B 21 2.69 2.24 6.23
N LYS B 22 1.43 2.44 5.82
CA LYS B 22 1.01 3.74 5.32
C LYS B 22 1.00 4.78 6.43
N LEU B 23 0.59 4.38 7.64
CA LEU B 23 0.53 5.31 8.75
C LEU B 23 1.92 5.76 9.17
N ILE B 24 2.89 4.84 9.18
CA ILE B 24 4.25 5.20 9.59
C ILE B 24 4.90 6.11 8.55
N ILE B 25 4.63 5.86 7.27
CA ILE B 25 5.28 6.63 6.21
C ILE B 25 4.74 8.05 6.17
N ASN B 26 3.42 8.19 6.18
CA ASN B 26 2.82 9.52 6.12
C ASN B 26 3.09 10.33 7.39
N SER B 27 3.25 9.66 8.53
CA SER B 27 3.51 10.35 9.78
C SER B 27 4.96 10.80 9.94
N LEU B 28 5.91 9.90 9.66
CA LEU B 28 7.32 10.19 9.87
C LEU B 28 8.06 10.61 8.60
N TYR B 29 7.34 11.17 7.63
CA TYR B 29 8.00 11.62 6.41
C TYR B 29 8.96 12.77 6.69
N LYS B 30 8.68 13.58 7.70
CA LYS B 30 9.51 14.73 8.03
C LYS B 30 10.61 14.41 9.03
N ASN B 31 10.61 13.21 9.61
CA ASN B 31 11.66 12.79 10.56
C ASN B 31 12.11 11.37 10.20
N LYS B 32 12.69 11.23 9.00
CA LYS B 32 13.05 9.91 8.49
C LYS B 32 14.14 9.24 9.30
N GLU B 33 14.99 10.04 9.97
CA GLU B 33 16.13 9.50 10.70
C GLU B 33 15.72 8.51 11.78
N ILE B 34 14.46 8.52 12.20
CA ILE B 34 13.98 7.64 13.24
C ILE B 34 14.08 6.17 12.85
N PHE B 35 14.14 5.88 11.54
CA PHE B 35 14.21 4.49 11.09
C PHE B 35 15.43 3.78 11.67
N LEU B 36 16.58 4.47 11.72
CA LEU B 36 17.78 3.84 12.26
C LEU B 36 17.66 3.57 13.75
N ARG B 37 16.94 4.44 14.48
CA ARG B 37 16.71 4.19 15.90
C ARG B 37 15.92 2.91 16.11
N GLU B 38 14.89 2.67 15.31
CA GLU B 38 14.04 1.51 15.50
C GLU B 38 14.77 0.22 15.12
N LEU B 39 15.50 0.23 14.01
CA LEU B 39 16.30 -0.94 13.65
C LEU B 39 17.29 -1.28 14.77
N ILE B 40 17.91 -0.26 15.37
CA ILE B 40 18.78 -0.48 16.51
C ILE B 40 17.98 -1.04 17.69
N SER B 41 16.84 -0.42 17.98
CA SER B 41 15.97 -0.91 19.06
CA SER B 41 15.98 -0.91 19.06
C SER B 41 15.57 -2.35 18.81
N ASN B 42 15.16 -2.66 17.57
CA ASN B 42 14.81 -4.03 17.23
C ASN B 42 16.00 -4.96 17.42
N ALA B 43 17.19 -4.51 17.02
CA ALA B 43 18.40 -5.31 17.20
C ALA B 43 18.68 -5.56 18.68
N SER B 44 18.41 -4.56 19.52
CA SER B 44 18.61 -4.73 20.96
C SER B 44 17.66 -5.77 21.54
N ASP B 45 16.37 -5.68 21.19
CA ASP B 45 15.39 -6.64 21.68
C ASP B 45 15.75 -8.06 21.27
N ALA B 46 16.31 -8.24 20.07
CA ALA B 46 16.71 -9.57 19.62
C ALA B 46 17.86 -10.11 20.46
N LEU B 47 18.85 -9.26 20.78
CA LEU B 47 19.92 -9.70 21.67
C LEU B 47 19.42 -9.97 23.07
N ASP B 48 18.57 -9.08 23.62
CA ASP B 48 17.98 -9.33 24.92
C ASP B 48 17.17 -10.62 24.92
N LYS B 49 16.62 -11.01 23.77
CA LYS B 49 15.81 -12.22 23.70
C LYS B 49 16.69 -13.46 23.79
N ILE B 50 17.75 -13.51 23.00
CA ILE B 50 18.65 -14.66 23.04
C ILE B 50 19.40 -14.71 24.37
N ARG B 51 19.65 -13.55 24.97
CA ARG B 51 20.31 -13.52 26.27
C ARG B 51 19.43 -14.15 27.35
N LEU B 52 18.12 -13.85 27.33
CA LEU B 52 17.20 -14.49 28.26
C LEU B 52 17.10 -15.98 28.01
N ILE B 53 17.08 -16.40 26.74
CA ILE B 53 17.01 -17.82 26.42
C ILE B 53 18.27 -18.54 26.90
N SER B 54 19.42 -17.87 26.85
CA SER B 54 20.66 -18.47 27.32
C SER B 54 20.62 -18.77 28.82
N LEU B 55 19.75 -18.10 29.58
CA LEU B 55 19.59 -18.41 30.99
C LEU B 55 19.04 -19.81 31.24
N THR B 56 18.33 -20.38 30.27
CA THR B 56 17.75 -21.70 30.42
C THR B 56 18.39 -22.75 29.53
N ASP B 57 19.13 -22.33 28.50
CA ASP B 57 19.75 -23.25 27.55
C ASP B 57 21.23 -22.93 27.49
N GLU B 58 22.07 -23.88 27.92
CA GLU B 58 23.51 -23.68 27.93
C GLU B 58 24.11 -23.63 26.53
N ASN B 59 23.37 -24.06 25.52
CA ASN B 59 23.86 -24.09 24.14
C ASN B 59 23.14 -23.10 23.24
N ALA B 60 22.42 -22.14 23.82
CA ALA B 60 21.68 -21.17 23.01
C ALA B 60 22.60 -20.23 22.24
N LEU B 61 23.87 -20.13 22.65
CA LEU B 61 24.83 -19.26 21.98
C LEU B 61 25.90 -20.04 21.23
N SER B 62 25.73 -21.36 21.09
CA SER B 62 26.74 -22.17 20.42
C SER B 62 26.90 -21.76 18.96
N GLY B 63 25.81 -21.41 18.30
CA GLY B 63 25.89 -21.03 16.89
C GLY B 63 26.68 -19.77 16.63
N ASN B 64 26.77 -18.89 17.63
CA ASN B 64 27.49 -17.64 17.49
C ASN B 64 27.78 -17.11 18.89
N GLU B 65 29.06 -16.90 19.20
CA GLU B 65 29.46 -16.53 20.56
C GLU B 65 29.22 -15.06 20.87
N GLU B 66 29.34 -14.18 19.87
CA GLU B 66 29.25 -12.75 20.13
C GLU B 66 27.79 -12.30 20.26
N LEU B 67 27.59 -11.25 21.05
CA LEU B 67 26.30 -10.57 21.18
C LEU B 67 26.51 -9.11 20.80
N THR B 68 26.44 -8.83 19.50
CA THR B 68 26.73 -7.50 18.98
C THR B 68 25.68 -7.11 17.95
N VAL B 69 25.68 -5.83 17.59
CA VAL B 69 24.95 -5.34 16.41
C VAL B 69 25.96 -4.54 15.59
N LYS B 70 26.12 -4.92 14.33
CA LYS B 70 27.12 -4.33 13.45
C LYS B 70 26.43 -3.69 12.26
N ILE B 71 26.92 -2.52 11.86
CA ILE B 71 26.31 -1.72 10.80
C ILE B 71 27.35 -1.46 9.72
N LYS B 72 26.95 -1.66 8.46
CA LYS B 72 27.82 -1.44 7.31
C LYS B 72 27.11 -0.62 6.26
N CYS B 73 27.85 0.31 5.67
CA CYS B 73 27.39 1.11 4.54
C CYS B 73 28.12 0.67 3.28
N ASP B 74 27.35 0.40 2.23
CA ASP B 74 27.91 0.03 0.92
CA ASP B 74 27.89 0.03 0.92
C ASP B 74 27.45 1.10 -0.08
N LYS B 75 28.19 2.22 -0.09
CA LYS B 75 27.86 3.32 -1.00
C LYS B 75 27.95 2.86 -2.45
N GLU B 76 28.88 1.95 -2.75
CA GLU B 76 29.05 1.49 -4.13
C GLU B 76 27.81 0.76 -4.63
N LYS B 77 27.15 -0.01 -3.76
CA LYS B 77 25.97 -0.77 -4.15
C LYS B 77 24.67 -0.15 -3.65
N ASN B 78 24.74 0.95 -2.90
CA ASN B 78 23.55 1.63 -2.38
C ASN B 78 22.80 0.73 -1.40
N LEU B 79 23.53 0.18 -0.43
CA LEU B 79 22.96 -0.73 0.56
C LEU B 79 23.34 -0.28 1.96
N LEU B 80 22.44 -0.56 2.90
CA LEU B 80 22.68 -0.35 4.32
C LEU B 80 22.36 -1.64 5.06
N HIS B 81 23.31 -2.11 5.86
CA HIS B 81 23.18 -3.37 6.59
C HIS B 81 23.20 -3.10 8.09
N VAL B 82 22.24 -3.69 8.80
CA VAL B 82 22.19 -3.65 10.25
C VAL B 82 22.06 -5.10 10.70
N THR B 83 23.14 -5.66 11.22
CA THR B 83 23.19 -7.06 11.61
C THR B 83 23.30 -7.18 13.13
N ASP B 84 22.54 -8.11 13.69
CA ASP B 84 22.58 -8.41 15.11
C ASP B 84 22.73 -9.92 15.27
N THR B 85 23.43 -10.32 16.33
CA THR B 85 23.57 -11.73 16.67
C THR B 85 22.52 -12.18 17.69
N GLY B 86 21.26 -11.74 17.51
CA GLY B 86 20.21 -12.02 18.46
C GLY B 86 19.59 -13.39 18.27
N VAL B 87 18.32 -13.51 18.68
CA VAL B 87 17.66 -14.81 18.65
C VAL B 87 17.45 -15.29 17.22
N GLY B 88 17.30 -14.38 16.28
CA GLY B 88 17.02 -14.76 14.91
C GLY B 88 15.57 -15.13 14.72
N MET B 89 15.23 -15.47 13.48
CA MET B 89 13.86 -15.79 13.08
C MET B 89 13.84 -17.04 12.24
N THR B 90 12.91 -17.95 12.53
CA THR B 90 12.69 -19.09 11.67
C THR B 90 11.94 -18.66 10.41
N ARG B 91 11.81 -19.59 9.47
CA ARG B 91 11.06 -19.30 8.25
C ARG B 91 9.63 -18.87 8.56
N GLU B 92 8.96 -19.64 9.44
CA GLU B 92 7.58 -19.32 9.80
C GLU B 92 7.50 -17.97 10.51
N GLU B 93 8.51 -17.65 11.33
CA GLU B 93 8.49 -16.37 12.03
C GLU B 93 8.74 -15.21 11.08
N LEU B 94 9.52 -15.42 10.01
CA LEU B 94 9.69 -14.37 9.02
C LEU B 94 8.35 -14.04 8.36
N VAL B 95 7.52 -15.05 8.14
CA VAL B 95 6.24 -14.84 7.46
C VAL B 95 5.24 -14.16 8.40
N LYS B 96 5.18 -14.61 9.65
CA LYS B 96 4.18 -14.09 10.58
C LYS B 96 4.63 -12.79 11.24
N ASN B 97 5.87 -12.76 11.75
CA ASN B 97 6.32 -11.58 12.51
C ASN B 97 6.47 -10.35 11.62
N LEU B 98 6.70 -10.54 10.32
CA LEU B 98 6.84 -9.42 9.40
C LEU B 98 5.63 -9.21 8.50
N GLY B 99 4.82 -10.24 8.28
CA GLY B 99 3.66 -10.12 7.40
C GLY B 99 2.37 -9.91 8.15
N THR B 100 2.37 -10.23 9.45
CA THR B 100 1.16 -10.09 10.25
C THR B 100 1.45 -9.34 11.55
N ILE B 101 0.50 -9.37 12.47
CA ILE B 101 0.67 -8.77 13.79
C ILE B 101 0.49 -9.82 14.88
N SER B 107 -6.56 -2.22 18.11
CA SER B 107 -7.62 -1.23 17.93
C SER B 107 -7.22 0.12 18.51
N GLU B 108 -6.64 0.08 19.72
CA GLU B 108 -6.22 1.32 20.36
C GLU B 108 -4.98 1.90 19.72
N PHE B 109 -4.11 1.04 19.16
CA PHE B 109 -2.89 1.52 18.53
C PHE B 109 -3.20 2.37 17.31
N LEU B 110 -4.08 1.88 16.44
CA LEU B 110 -4.45 2.64 15.24
C LEU B 110 -5.17 3.94 15.60
N ASN B 111 -6.07 3.88 16.60
CA ASN B 111 -6.80 5.08 17.00
C ASN B 111 -5.87 6.13 17.62
N LYS B 112 -4.90 5.69 18.43
CA LYS B 112 -3.98 6.63 19.06
C LYS B 112 -3.05 7.28 18.06
N MET B 113 -2.63 6.55 17.03
CA MET B 113 -1.67 7.08 16.07
C MET B 113 -2.23 8.26 15.29
N THR B 114 -3.49 8.18 14.85
CA THR B 114 -4.08 9.31 14.13
C THR B 114 -4.20 10.53 15.03
N GLU B 115 -4.58 10.33 16.29
CA GLU B 115 -4.70 11.43 17.23
C GLU B 115 -3.33 12.00 17.57
N GLN B 121 1.26 15.29 14.27
CA GLN B 121 2.12 15.34 15.46
C GLN B 121 3.06 14.14 15.48
N SER B 122 4.07 14.21 16.34
CA SER B 122 5.07 13.15 16.41
C SER B 122 4.50 11.89 17.05
N THR B 123 4.98 10.75 16.56
CA THR B 123 4.54 9.44 17.04
C THR B 123 5.75 8.55 17.35
N SER B 124 6.94 9.12 17.43
CA SER B 124 8.15 8.33 17.70
C SER B 124 8.01 7.55 19.01
N GLU B 125 7.53 8.20 20.07
CA GLU B 125 7.33 7.50 21.33
C GLU B 125 6.18 6.51 21.27
N LEU B 126 5.30 6.64 20.28
CA LEU B 126 4.20 5.69 20.13
C LEU B 126 4.66 4.39 19.50
N ILE B 127 5.53 4.48 18.48
CA ILE B 127 6.01 3.30 17.78
C ILE B 127 7.08 2.58 18.59
N GLY B 128 8.02 3.32 19.17
CA GLY B 128 9.07 2.71 19.96
C GLY B 128 8.58 1.93 21.16
N GLN B 129 7.39 2.25 21.66
CA GLN B 129 6.83 1.47 22.76
C GLN B 129 6.19 0.18 22.25
N PHE B 130 5.51 0.23 21.11
CA PHE B 130 4.87 -0.96 20.55
C PHE B 130 5.81 -1.81 19.72
N GLY B 131 7.00 -1.31 19.40
CA GLY B 131 7.97 -2.11 18.66
C GLY B 131 7.57 -2.47 17.25
N VAL B 132 6.91 -1.55 16.54
CA VAL B 132 6.52 -1.77 15.16
C VAL B 132 7.35 -0.92 14.20
N GLY B 133 8.50 -0.42 14.66
CA GLY B 133 9.33 0.47 13.87
C GLY B 133 10.06 -0.17 12.71
N PHE B 134 9.96 -1.49 12.53
CA PHE B 134 10.62 -2.16 11.42
C PHE B 134 10.18 -1.59 10.07
N TYR B 135 8.91 -1.23 9.95
CA TYR B 135 8.38 -0.75 8.68
C TYR B 135 8.81 0.67 8.34
N SER B 136 9.38 1.41 9.29
CA SER B 136 9.90 2.73 8.97
C SER B 136 11.08 2.69 8.02
N ALA B 137 11.66 1.51 7.79
CA ALA B 137 12.74 1.39 6.81
C ALA B 137 12.26 1.76 5.42
N PHE B 138 10.98 1.53 5.12
CA PHE B 138 10.41 1.93 3.85
C PHE B 138 10.32 3.44 3.68
N LEU B 139 10.68 4.21 4.72
CA LEU B 139 10.84 5.65 4.56
C LEU B 139 12.07 6.01 3.74
N VAL B 140 13.07 5.13 3.69
CA VAL B 140 14.34 5.46 3.05
C VAL B 140 14.77 4.36 2.08
N ALA B 141 14.04 3.25 2.07
CA ALA B 141 14.43 2.09 1.27
C ALA B 141 13.32 1.74 0.28
N ASP B 142 13.71 1.52 -0.98
CA ASP B 142 12.76 1.01 -1.97
C ASP B 142 12.51 -0.48 -1.79
N LYS B 143 13.46 -1.20 -1.20
CA LYS B 143 13.32 -2.63 -0.99
C LYS B 143 14.03 -3.01 0.31
N VAL B 144 13.40 -3.90 1.07
CA VAL B 144 13.93 -4.34 2.36
C VAL B 144 14.23 -5.83 2.28
N ILE B 145 15.46 -6.20 2.61
CA ILE B 145 15.91 -7.58 2.60
C ILE B 145 16.30 -7.98 4.02
N VAL B 146 15.73 -9.07 4.46
CA VAL B 146 16.02 -9.58 5.76
C VAL B 146 16.58 -10.98 5.71
N THR B 147 17.81 -11.11 6.15
CA THR B 147 18.46 -12.41 6.28
C THR B 147 18.54 -12.76 7.75
N SER B 148 18.04 -13.94 8.12
CA SER B 148 17.93 -14.31 9.52
C SER B 148 18.10 -15.80 9.67
N LYS B 149 18.80 -16.21 10.73
CA LYS B 149 18.92 -17.61 11.08
C LYS B 149 18.61 -17.80 12.55
N HIS B 150 17.65 -18.65 12.84
CA HIS B 150 17.25 -19.02 14.19
C HIS B 150 17.86 -20.38 14.52
N ASN B 151 18.18 -20.59 15.80
CA ASN B 151 18.79 -21.84 16.23
C ASN B 151 17.93 -23.06 15.92
N ASN B 152 16.64 -22.87 15.66
CA ASN B 152 15.71 -23.97 15.42
C ASN B 152 15.29 -24.08 13.96
N ASP B 153 16.01 -23.43 13.05
CA ASP B 153 15.66 -23.47 11.63
C ASP B 153 16.91 -23.17 10.81
N THR B 154 16.75 -23.20 9.49
CA THR B 154 17.84 -22.87 8.58
C THR B 154 17.74 -21.42 8.14
N GLN B 155 18.87 -20.87 7.70
CA GLN B 155 18.94 -19.46 7.34
C GLN B 155 18.07 -19.18 6.13
N HIS B 156 17.19 -18.18 6.26
CA HIS B 156 16.28 -17.79 5.19
C HIS B 156 16.45 -16.31 4.87
N ILE B 157 15.85 -15.89 3.77
CA ILE B 157 15.87 -14.51 3.32
C ILE B 157 14.45 -14.02 3.09
N TRP B 158 14.18 -12.80 3.55
CA TRP B 158 12.87 -12.16 3.43
C TRP B 158 13.09 -10.86 2.64
N GLU B 159 12.36 -10.71 1.54
CA GLU B 159 12.50 -9.55 0.68
C GLU B 159 11.13 -8.96 0.39
N SER B 160 11.08 -7.64 0.26
CA SER B 160 9.82 -6.97 0.03
C SER B 160 10.06 -5.55 -0.47
N ASP B 161 9.08 -5.06 -1.24
CA ASP B 161 9.06 -3.66 -1.69
C ASP B 161 7.81 -2.95 -1.17
N SER B 162 7.18 -3.49 -0.13
CA SER B 162 5.97 -3.04 0.55
C SER B 162 4.69 -3.43 -0.20
N ASN B 163 4.79 -3.98 -1.42
CA ASN B 163 3.60 -4.41 -2.15
C ASN B 163 3.36 -5.91 -2.04
N GLU B 164 4.41 -6.66 -1.70
CA GLU B 164 4.33 -8.09 -1.43
C GLU B 164 5.64 -8.47 -0.76
N PHE B 165 5.77 -9.73 -0.39
CA PHE B 165 7.03 -10.22 0.13
C PHE B 165 7.15 -11.71 -0.14
N SER B 166 8.39 -12.17 -0.23
CA SER B 166 8.67 -13.57 -0.49
C SER B 166 9.72 -14.05 0.50
N VAL B 167 9.71 -15.36 0.73
CA VAL B 167 10.65 -16.02 1.63
C VAL B 167 11.27 -17.19 0.89
N ILE B 168 12.60 -17.24 0.88
CA ILE B 168 13.34 -18.33 0.26
C ILE B 168 14.43 -18.77 1.23
N ALA B 169 14.79 -20.05 1.13
CA ALA B 169 15.93 -20.55 1.89
C ALA B 169 17.20 -19.95 1.33
N ASP B 170 18.05 -19.42 2.21
CA ASP B 170 19.30 -18.81 1.79
C ASP B 170 20.18 -19.88 1.15
N PRO B 171 20.43 -19.79 -0.17
CA PRO B 171 21.28 -20.80 -0.81
C PRO B 171 22.73 -20.75 -0.37
N ARG B 172 23.14 -19.67 0.31
CA ARG B 172 24.49 -19.59 0.87
C ARG B 172 24.66 -20.40 2.13
N GLY B 173 23.59 -21.08 2.59
CA GLY B 173 23.71 -21.86 3.80
C GLY B 173 23.70 -20.98 5.05
N ASN B 174 24.21 -21.57 6.12
CA ASN B 174 24.31 -20.88 7.41
C ASN B 174 25.48 -19.90 7.34
N THR B 175 25.16 -18.63 7.08
CA THR B 175 26.16 -17.57 7.02
C THR B 175 26.24 -16.76 8.30
N LEU B 176 25.10 -16.47 8.93
CA LEU B 176 25.08 -15.64 10.13
C LEU B 176 25.48 -16.41 11.38
N GLY B 177 25.35 -17.73 11.39
CA GLY B 177 25.51 -18.50 12.61
C GLY B 177 24.29 -18.38 13.49
N ARG B 178 23.93 -17.15 13.82
CA ARG B 178 22.69 -16.83 14.51
C ARG B 178 22.50 -15.32 14.51
N GLY B 179 21.29 -14.87 14.20
CA GLY B 179 20.97 -13.46 14.21
C GLY B 179 20.26 -13.04 12.93
N THR B 180 20.19 -11.72 12.73
CA THR B 180 19.46 -11.16 11.60
C THR B 180 20.27 -10.00 11.02
N THR B 181 20.13 -9.83 9.70
CA THR B 181 20.69 -8.69 8.99
C THR B 181 19.56 -7.97 8.27
N ILE B 182 19.42 -6.68 8.53
CA ILE B 182 18.45 -5.84 7.83
C ILE B 182 19.22 -5.12 6.72
N THR B 183 18.91 -5.47 5.47
CA THR B 183 19.54 -4.88 4.30
C THR B 183 18.54 -3.94 3.62
N LEU B 184 18.95 -2.69 3.41
CA LEU B 184 18.09 -1.67 2.86
C LEU B 184 18.64 -1.21 1.52
N VAL B 185 17.82 -1.32 0.48
CA VAL B 185 18.13 -0.76 -0.84
C VAL B 185 17.63 0.68 -0.79
N LEU B 186 18.53 1.59 -0.42
CA LEU B 186 18.14 2.98 -0.16
C LEU B 186 17.58 3.65 -1.41
N LYS B 187 16.62 4.53 -1.20
CA LYS B 187 16.05 5.30 -2.30
C LYS B 187 17.11 6.21 -2.92
N GLU B 188 16.78 6.75 -4.09
CA GLU B 188 17.66 7.72 -4.72
C GLU B 188 17.83 8.96 -3.85
N GLU B 189 16.76 9.39 -3.18
CA GLU B 189 16.78 10.56 -2.33
C GLU B 189 17.18 10.25 -0.90
N ALA B 190 17.68 9.04 -0.63
CA ALA B 190 18.14 8.65 0.70
C ALA B 190 19.61 8.25 0.72
N SER B 191 20.35 8.55 -0.36
CA SER B 191 21.76 8.20 -0.42
C SER B 191 22.60 8.89 0.65
N ASP B 192 22.02 9.85 1.38
CA ASP B 192 22.76 10.52 2.44
C ASP B 192 23.19 9.53 3.53
N TYR B 193 22.38 8.51 3.79
CA TYR B 193 22.70 7.53 4.82
C TYR B 193 23.76 6.51 4.38
N LEU B 194 24.30 6.65 3.17
CA LEU B 194 25.43 5.82 2.78
C LEU B 194 26.76 6.40 3.25
N GLU B 195 26.79 7.67 3.63
CA GLU B 195 28.00 8.29 4.14
C GLU B 195 28.30 7.79 5.56
N LEU B 196 29.58 7.75 5.91
CA LEU B 196 29.97 7.20 7.20
C LEU B 196 29.70 8.18 8.34
N ASP B 197 30.18 9.42 8.20
CA ASP B 197 30.08 10.38 9.30
C ASP B 197 28.64 10.63 9.72
N THR B 198 27.70 10.55 8.78
CA THR B 198 26.29 10.75 9.12
C THR B 198 25.73 9.53 9.86
N ILE B 199 26.17 8.33 9.48
CA ILE B 199 25.71 7.12 10.15
C ILE B 199 26.25 7.06 11.57
N LYS B 200 27.55 7.29 11.74
CA LYS B 200 28.14 7.26 13.08
C LYS B 200 27.45 8.23 14.02
N ASN B 201 27.11 9.42 13.54
CA ASN B 201 26.40 10.38 14.37
C ASN B 201 25.01 9.87 14.75
N LEU B 202 24.28 9.35 13.77
CA LEU B 202 22.94 8.82 14.04
C LEU B 202 23.00 7.63 15.00
N VAL B 203 23.97 6.74 14.81
CA VAL B 203 24.10 5.58 15.68
C VAL B 203 24.37 6.02 17.12
N LYS B 204 25.27 6.99 17.29
CA LYS B 204 25.61 7.46 18.63
C LYS B 204 24.42 8.10 19.33
N LYS B 205 23.54 8.77 18.58
CA LYS B 205 22.39 9.43 19.20
C LYS B 205 21.36 8.41 19.71
N TYR B 206 21.32 7.22 19.13
CA TYR B 206 20.28 6.25 19.45
C TYR B 206 20.79 4.99 20.14
N SER B 207 22.09 4.88 20.41
CA SER B 207 22.67 3.66 20.97
C SER B 207 23.09 3.82 22.43
N GLN B 208 22.77 4.93 23.07
CA GLN B 208 23.27 5.17 24.43
C GLN B 208 22.72 4.16 25.42
N PHE B 209 21.45 3.79 25.28
CA PHE B 209 20.78 2.91 26.24
C PHE B 209 20.80 1.45 25.82
N ILE B 210 21.60 1.08 24.83
CA ILE B 210 21.69 -0.30 24.38
C ILE B 210 22.71 -1.03 25.25
N ASN B 211 22.28 -2.12 25.87
CA ASN B 211 23.13 -2.91 26.76
C ASN B 211 24.13 -3.77 26.01
N PHE B 212 24.30 -3.56 24.70
CA PHE B 212 25.18 -4.36 23.88
C PHE B 212 26.04 -3.43 23.02
N PRO B 213 27.22 -3.89 22.62
CA PRO B 213 28.11 -3.03 21.82
C PRO B 213 27.57 -2.82 20.42
N ILE B 214 27.80 -1.61 19.89
CA ILE B 214 27.34 -1.21 18.57
C ILE B 214 28.58 -0.92 17.74
N TYR B 215 28.76 -1.65 16.64
CA TYR B 215 29.90 -1.45 15.76
C TYR B 215 29.45 -0.89 14.42
N VAL B 216 30.35 -0.13 13.79
CA VAL B 216 30.13 0.44 12.48
C VAL B 216 31.39 0.21 11.65
N TRP B 217 31.21 -0.37 10.46
CA TRP B 217 32.33 -0.63 9.55
C TRP B 217 32.77 0.70 8.94
N SER B 218 33.83 1.28 9.49
CA SER B 218 34.32 2.59 9.07
C SER B 218 35.69 2.46 8.42
N SER B 219 36.17 3.58 7.91
CA SER B 219 37.47 3.67 7.24
C SER B 219 38.31 4.74 7.93
N LYS B 220 39.57 4.82 7.53
CA LYS B 220 40.48 5.80 8.09
C LYS B 220 41.53 6.25 7.07
N THR B 264 44.47 3.68 3.52
CA THR B 264 43.21 3.65 4.26
C THR B 264 42.76 2.20 4.49
N VAL B 265 42.49 1.86 5.75
CA VAL B 265 42.06 0.52 6.11
C VAL B 265 40.72 0.62 6.84
N TRP B 266 40.03 -0.51 6.92
CA TRP B 266 38.70 -0.59 7.51
C TRP B 266 38.70 -1.56 8.69
N ASP B 267 37.76 -1.33 9.60
CA ASP B 267 37.52 -2.18 10.76
C ASP B 267 36.32 -1.62 11.51
N TRP B 268 35.87 -2.38 12.51
CA TRP B 268 34.71 -1.98 13.31
C TRP B 268 35.10 -0.92 14.33
N GLU B 269 34.27 0.11 14.44
CA GLU B 269 34.44 1.15 15.44
CA GLU B 269 34.45 1.16 15.44
C GLU B 269 33.23 1.17 16.36
N LEU B 270 33.47 0.94 17.65
CA LEU B 270 32.39 0.92 18.62
C LEU B 270 31.85 2.33 18.85
N MET B 271 30.53 2.43 19.01
CA MET B 271 29.87 3.73 19.08
C MET B 271 29.21 4.06 20.41
N ASN B 272 28.92 3.08 21.26
CA ASN B 272 28.26 3.38 22.52
C ASN B 272 29.16 3.09 23.71
#